data_6MZW
#
_entry.id   6MZW
#
_cell.length_a   208.919
_cell.length_b   48.981
_cell.length_c   65.119
_cell.angle_alpha   90.00
_cell.angle_beta   106.19
_cell.angle_gamma   90.00
#
_symmetry.space_group_name_H-M   'C 1 2 1'
#
loop_
_entity.id
_entity.type
_entity.pdbx_description
1 polymer 'Fibroblast growth factor receptor 1'
2 non-polymer 1-[(3S)-3-{4-amino-3-[(3,5-dimethoxyphenyl)ethynyl]-1H-pyrazolo[3,4-d]pyrimidin-1-yl}pyrrolidin-1-yl]prop-2-en-1-one
3 non-polymer 'SULFATE ION'
4 water water
#
_entity_poly.entity_id   1
_entity_poly.type   'polypeptide(L)'
_entity_poly.pdbx_seq_one_letter_code
;GAMSGVSEYELPEDPRWELPRDRLVLGKPLGEGCFGQVVLAEAIGLDKDKPNRVTKVAVKMLKSDATEKDLSDLISEMEM
MKMIGKHKNIINLLGACTQDGPLYVIVEYASKGNLREYLQARRPPGLEYSYNPSHNPEEQLSSKDLVSCAYQVARGMEYL
ASKKCIHRDLAARNVLVTEDNVMKIADFGLARDIHHIDYYKKTTNGRLPVKWMAPEALFDRIYTHQSDVWSFGVLLWEIF
TLGGSPYPGVPVEELFKLLKEGHRMDKPSNCTNELYMMMRDCWHAVPSQRPTFKQLVEDLDRIVALTSNQE
;
_entity_poly.pdbx_strand_id   A,B
#
loop_
_chem_comp.id
_chem_comp.type
_chem_comp.name
_chem_comp.formula
SO4 non-polymer 'SULFATE ION' 'O4 S -2'
TZ0 non-polymer 1-[(3S)-3-{4-amino-3-[(3,5-dimethoxyphenyl)ethynyl]-1H-pyrazolo[3,4-d]pyrimidin-1-yl}pyrrolidin-1-yl]prop-2-en-1-one 'C22 H22 N6 O3'
#
# COMPACT_ATOMS: atom_id res chain seq x y z
N GLU A 10 -12.30 32.69 28.90
CA GLU A 10 -13.63 33.34 28.74
C GLU A 10 -14.13 33.16 27.30
N LEU A 11 -14.14 31.91 26.81
CA LEU A 11 -14.65 31.56 25.48
C LEU A 11 -16.09 31.11 25.61
N PRO A 12 -17.01 31.44 24.68
CA PRO A 12 -18.43 31.18 24.87
C PRO A 12 -18.73 29.68 24.67
N GLU A 13 -19.57 29.12 25.55
CA GLU A 13 -19.87 27.70 25.52
C GLU A 13 -20.64 27.41 24.23
N ASP A 14 -20.31 26.27 23.60
CA ASP A 14 -21.00 25.77 22.43
C ASP A 14 -21.33 24.29 22.66
N PRO A 15 -22.52 23.98 23.18
CA PRO A 15 -22.97 22.59 23.36
C PRO A 15 -23.09 21.70 22.10
N ARG A 16 -22.95 22.27 20.90
CA ARG A 16 -22.88 21.43 19.70
C ARG A 16 -21.58 20.60 19.74
N TRP A 17 -20.54 21.15 20.38
CA TRP A 17 -19.17 20.69 20.21
C TRP A 17 -18.50 20.28 21.52
N GLU A 18 -19.04 20.68 22.68
CA GLU A 18 -18.31 20.58 23.95
C GLU A 18 -18.15 19.11 24.36
N LEU A 19 -16.94 18.77 24.80
CA LEU A 19 -16.70 17.49 25.47
C LEU A 19 -16.22 17.79 26.89
N PRO A 20 -16.81 17.16 27.94
CA PRO A 20 -16.25 17.27 29.29
C PRO A 20 -14.81 16.75 29.31
N ARG A 21 -13.92 17.48 29.95
CA ARG A 21 -12.48 17.13 30.06
C ARG A 21 -12.28 15.70 30.58
N ASP A 22 -13.17 15.21 31.42
CA ASP A 22 -13.03 13.92 32.07
C ASP A 22 -13.18 12.79 31.04
N ARG A 23 -13.78 13.07 29.88
CA ARG A 23 -14.03 12.04 28.86
C ARG A 23 -12.88 12.00 27.85
N LEU A 24 -11.81 12.75 28.15
CA LEU A 24 -10.64 12.88 27.30
C LEU A 24 -9.40 12.44 28.10
N VAL A 25 -8.68 11.44 27.57
CA VAL A 25 -7.43 10.93 28.16
C VAL A 25 -6.27 11.21 27.21
N LEU A 26 -5.40 12.15 27.59
CA LEU A 26 -4.26 12.62 26.80
C LEU A 26 -3.15 11.57 26.81
N GLY A 27 -2.75 11.11 25.62
CA GLY A 27 -1.58 10.26 25.42
C GLY A 27 -0.38 11.07 24.94
N LYS A 28 0.49 10.41 24.15
CA LYS A 28 1.83 10.91 23.77
C LYS A 28 1.70 11.99 22.69
N PRO A 29 2.65 12.97 22.65
CA PRO A 29 2.69 13.95 21.56
C PRO A 29 2.97 13.26 20.20
N LEU A 30 2.20 13.65 19.17
CA LEU A 30 2.35 13.13 17.80
C LEU A 30 3.34 14.00 17.03
N GLY A 31 3.55 15.24 17.50
CA GLY A 31 4.49 16.19 16.94
C GLY A 31 5.93 15.73 17.08
N GLU A 32 6.81 16.33 16.26
CA GLU A 32 8.25 16.08 16.27
C GLU A 32 8.90 17.44 16.56
N GLY A 33 8.62 17.97 17.76
CA GLY A 33 9.11 19.29 18.21
C GLY A 33 8.84 20.43 17.25
N CYS A 34 7.58 20.89 17.21
CA CYS A 34 7.07 21.68 16.09
C CYS A 34 5.99 22.68 16.53
N PHE A 35 5.27 23.21 15.54
CA PHE A 35 4.14 24.15 15.64
C PHE A 35 3.13 23.71 16.70
N GLY A 36 2.68 24.67 17.53
CA GLY A 36 1.61 24.50 18.53
C GLY A 36 1.88 23.35 19.48
N GLN A 37 0.96 22.37 19.51
CA GLN A 37 1.19 21.04 20.09
C GLN A 37 0.03 20.22 19.53
N VAL A 38 0.25 18.93 19.38
CA VAL A 38 -0.79 17.99 18.92
C VAL A 38 -0.47 16.66 19.56
N VAL A 39 -1.37 16.16 20.39
CA VAL A 39 -1.09 14.89 21.12
C VAL A 39 -2.16 13.87 20.77
N LEU A 40 -1.83 12.60 20.89
CA LEU A 40 -2.80 11.52 20.67
C LEU A 40 -3.67 11.43 21.93
N ALA A 41 -4.93 11.08 21.80
CA ALA A 41 -5.83 10.96 22.96
C ALA A 41 -6.91 9.90 22.72
N GLU A 42 -7.63 9.57 23.80
CA GLU A 42 -8.80 8.72 23.75
C GLU A 42 -9.99 9.52 24.27
N ALA A 43 -11.08 9.48 23.50
CA ALA A 43 -12.27 10.24 23.80
C ALA A 43 -13.40 9.26 24.09
N ILE A 44 -14.05 9.46 25.24
CA ILE A 44 -15.10 8.58 25.75
C ILE A 44 -16.45 9.13 25.30
N GLY A 45 -17.14 8.34 24.46
CA GLY A 45 -18.51 8.64 24.06
C GLY A 45 -18.61 9.94 23.28
N LEU A 46 -17.86 10.04 22.16
CA LEU A 46 -18.02 11.15 21.21
C LEU A 46 -19.43 11.11 20.61
N ASP A 47 -19.93 9.90 20.31
CA ASP A 47 -21.30 9.68 19.87
C ASP A 47 -22.21 9.49 21.10
N LYS A 48 -23.25 10.33 21.21
CA LYS A 48 -24.16 10.34 22.36
C LYS A 48 -24.97 9.03 22.39
N ASP A 49 -25.07 8.37 21.22
CA ASP A 49 -25.75 7.09 21.06
C ASP A 49 -24.79 5.90 21.22
N LYS A 50 -23.52 6.15 21.56
CA LYS A 50 -22.56 5.08 21.91
C LYS A 50 -21.61 5.60 22.97
N PRO A 51 -22.10 5.94 24.18
CA PRO A 51 -21.31 6.68 25.16
C PRO A 51 -20.29 5.87 25.98
N ASN A 52 -20.20 4.55 25.73
CA ASN A 52 -19.25 3.64 26.41
C ASN A 52 -18.11 3.21 25.47
N ARG A 53 -18.12 3.69 24.22
CA ARG A 53 -17.04 3.40 23.27
C ARG A 53 -15.97 4.49 23.41
N VAL A 54 -14.70 4.08 23.27
CA VAL A 54 -13.55 4.98 23.25
C VAL A 54 -13.12 5.14 21.79
N THR A 55 -12.71 6.37 21.43
CA THR A 55 -12.28 6.73 20.08
C THR A 55 -10.90 7.37 20.15
N LYS A 56 -9.97 6.89 19.32
CA LYS A 56 -8.66 7.51 19.20
C LYS A 56 -8.83 8.79 18.37
N VAL A 57 -8.29 9.90 18.89
CA VAL A 57 -8.43 11.23 18.31
C VAL A 57 -7.09 11.96 18.43
N ALA A 58 -7.02 13.14 17.81
CA ALA A 58 -5.90 14.04 17.98
C ALA A 58 -6.42 15.32 18.62
N VAL A 59 -5.54 16.00 19.36
CA VAL A 59 -5.93 17.14 20.16
C VAL A 59 -4.87 18.23 19.98
N LYS A 60 -5.31 19.38 19.48
CA LYS A 60 -4.45 20.52 19.35
C LYS A 60 -4.70 21.45 20.55
N MET A 61 -3.60 21.96 21.11
CA MET A 61 -3.64 22.86 22.27
C MET A 61 -2.48 23.85 22.11
N LEU A 62 -2.52 24.93 22.88
CA LEU A 62 -1.44 25.91 22.91
C LEU A 62 -0.27 25.31 23.70
N LYS A 63 0.95 25.75 23.37
CA LYS A 63 2.15 25.39 24.12
C LYS A 63 2.20 26.27 25.38
N SER A 64 3.21 26.02 26.22
CA SER A 64 3.45 26.79 27.46
C SER A 64 3.72 28.27 27.13
N ASP A 65 4.48 28.51 26.05
CA ASP A 65 5.04 29.82 25.71
C ASP A 65 4.08 30.72 24.90
N ALA A 66 2.77 30.49 25.04
CA ALA A 66 1.75 31.09 24.14
C ALA A 66 1.27 32.50 24.51
N THR A 67 0.73 33.20 23.50
CA THR A 67 0.27 34.59 23.58
C THR A 67 -1.26 34.63 23.37
N GLU A 68 -1.84 35.82 23.50
CA GLU A 68 -3.28 36.05 23.32
C GLU A 68 -3.63 36.19 21.82
N LYS A 69 -2.61 36.15 20.96
CA LYS A 69 -2.80 36.06 19.51
C LYS A 69 -2.79 34.58 19.08
N ASP A 70 -1.96 33.77 19.74
CA ASP A 70 -1.89 32.33 19.49
C ASP A 70 -3.22 31.67 19.88
N LEU A 71 -3.86 32.18 20.93
CA LEU A 71 -5.14 31.66 21.41
C LEU A 71 -6.28 32.08 20.47
N SER A 72 -6.22 33.32 19.97
CA SER A 72 -7.26 33.84 19.09
C SER A 72 -7.20 33.10 17.74
N ASP A 73 -5.98 32.85 17.28
CA ASP A 73 -5.72 32.09 16.06
C ASP A 73 -6.31 30.69 16.19
N LEU A 74 -6.10 30.06 17.37
CA LEU A 74 -6.55 28.69 17.59
C LEU A 74 -8.08 28.66 17.64
N ILE A 75 -8.65 29.74 18.16
CA ILE A 75 -10.10 29.89 18.28
C ILE A 75 -10.71 30.03 16.88
N SER A 76 -10.17 30.95 16.08
CA SER A 76 -10.59 31.17 14.71
C SER A 76 -10.64 29.83 13.97
N GLU A 77 -9.57 29.05 14.12
CA GLU A 77 -9.41 27.80 13.40
C GLU A 77 -10.59 26.87 13.71
N MET A 78 -10.95 26.78 14.97
CA MET A 78 -12.02 25.92 15.42
C MET A 78 -13.37 26.40 14.85
N GLU A 79 -13.65 27.69 15.02
CA GLU A 79 -14.91 28.31 14.59
C GLU A 79 -15.07 28.11 13.08
N MET A 80 -13.96 28.15 12.34
CA MET A 80 -13.98 27.98 10.89
C MET A 80 -14.33 26.52 10.54
N MET A 81 -13.67 25.56 11.21
CA MET A 81 -13.92 24.13 10.98
C MET A 81 -15.39 23.82 11.27
N LYS A 82 -15.95 24.46 12.30
CA LYS A 82 -17.38 24.36 12.62
C LYS A 82 -18.26 24.73 11.40
N MET A 83 -17.93 25.84 10.73
CA MET A 83 -18.74 26.40 9.62
C MET A 83 -18.58 25.54 8.36
N ILE A 84 -17.40 24.98 8.14
CA ILE A 84 -17.06 24.40 6.85
C ILE A 84 -17.77 23.06 6.71
N GLY A 85 -17.94 22.35 7.82
CA GLY A 85 -18.67 21.09 7.81
C GLY A 85 -17.77 19.91 7.50
N LYS A 86 -18.41 18.76 7.34
CA LYS A 86 -17.78 17.46 7.41
C LYS A 86 -17.58 16.90 5.99
N HIS A 87 -16.37 16.40 5.69
CA HIS A 87 -16.08 15.69 4.43
C HIS A 87 -15.07 14.56 4.69
N LYS A 88 -15.16 13.49 3.89
CA LYS A 88 -14.26 12.33 4.02
C LYS A 88 -12.80 12.79 3.89
N ASN A 89 -12.55 13.79 3.04
CA ASN A 89 -11.21 14.08 2.59
C ASN A 89 -10.66 15.38 3.19
N ILE A 90 -11.22 15.78 4.34
CA ILE A 90 -10.61 16.82 5.18
C ILE A 90 -10.51 16.27 6.61
N ILE A 91 -9.65 16.90 7.42
CA ILE A 91 -9.57 16.63 8.84
C ILE A 91 -10.80 17.29 9.47
N ASN A 92 -11.69 16.48 10.06
CA ASN A 92 -12.93 16.97 10.65
C ASN A 92 -12.75 17.30 12.13
N LEU A 93 -13.46 18.34 12.58
CA LEU A 93 -13.63 18.69 13.98
C LEU A 93 -14.53 17.64 14.63
N LEU A 94 -14.08 17.11 15.75
CA LEU A 94 -14.83 16.11 16.49
C LEU A 94 -15.42 16.73 17.76
N GLY A 95 -14.77 17.76 18.30
CA GLY A 95 -15.26 18.41 19.48
C GLY A 95 -14.20 19.30 20.10
N ALA A 96 -14.52 19.85 21.28
CA ALA A 96 -13.67 20.81 21.95
C ALA A 96 -13.90 20.78 23.46
N CYS A 97 -12.83 21.10 24.20
CA CYS A 97 -12.88 21.36 25.63
C CYS A 97 -12.49 22.82 25.84
N THR A 98 -13.47 23.65 26.20
CA THR A 98 -13.31 25.13 26.22
C THR A 98 -13.38 25.71 27.63
N GLN A 99 -14.21 25.12 28.51
CA GLN A 99 -14.63 25.78 29.73
C GLN A 99 -13.63 25.51 30.87
N ASP A 100 -13.40 24.23 31.20
CA ASP A 100 -12.83 23.83 32.50
C ASP A 100 -11.29 23.84 32.58
N GLY A 101 -10.63 24.72 31.81
CA GLY A 101 -9.16 24.81 31.77
C GLY A 101 -8.69 25.12 30.35
N PRO A 102 -7.47 24.71 29.94
CA PRO A 102 -6.89 25.17 28.68
C PRO A 102 -7.68 24.63 27.47
N LEU A 103 -7.68 25.40 26.37
CA LEU A 103 -8.47 25.09 25.18
C LEU A 103 -7.91 23.82 24.52
N TYR A 104 -8.78 22.81 24.33
CA TYR A 104 -8.43 21.66 23.51
C TYR A 104 -9.37 21.61 22.29
N VAL A 105 -8.79 21.36 21.12
CA VAL A 105 -9.52 21.17 19.89
C VAL A 105 -9.27 19.74 19.42
N ILE A 106 -10.37 18.98 19.29
CA ILE A 106 -10.34 17.57 19.03
C ILE A 106 -10.64 17.32 17.56
N VAL A 107 -9.78 16.58 16.88
CA VAL A 107 -9.95 16.31 15.45
C VAL A 107 -9.61 14.86 15.16
N GLU A 108 -9.89 14.43 13.93
CA GLU A 108 -9.66 13.05 13.51
C GLU A 108 -8.17 12.70 13.57
N TYR A 109 -7.87 11.47 13.99
CA TYR A 109 -6.53 10.91 14.06
C TYR A 109 -6.18 10.25 12.73
N ALA A 110 -5.02 10.59 12.18
CA ALA A 110 -4.47 9.98 10.96
C ALA A 110 -3.17 9.21 11.29
N SER A 111 -3.29 7.88 11.40
CA SER A 111 -2.24 6.99 11.99
C SER A 111 -0.96 7.00 11.14
N LYS A 112 -1.08 7.25 9.83
CA LYS A 112 0.04 7.10 8.91
C LYS A 112 0.73 8.43 8.62
N GLY A 113 0.40 9.49 9.35
CA GLY A 113 1.14 10.75 9.25
C GLY A 113 0.78 11.52 7.99
N ASN A 114 1.65 12.47 7.64
CA ASN A 114 1.42 13.36 6.51
C ASN A 114 1.88 12.67 5.21
N LEU A 115 1.44 13.23 4.08
CA LEU A 115 1.48 12.56 2.77
C LEU A 115 2.92 12.44 2.25
N ARG A 116 3.77 13.41 2.59
CA ARG A 116 5.21 13.39 2.24
C ARG A 116 5.88 12.17 2.90
N GLU A 117 5.81 12.12 4.24
CA GLU A 117 6.30 11.00 5.06
C GLU A 117 5.78 9.65 4.49
N TYR A 118 4.47 9.59 4.22
CA TYR A 118 3.78 8.35 3.82
C TYR A 118 4.34 7.85 2.49
N LEU A 119 4.60 8.77 1.56
CA LEU A 119 5.12 8.40 0.24
C LEU A 119 6.62 8.05 0.37
N GLN A 120 7.39 8.89 1.06
CA GLN A 120 8.82 8.65 1.30
C GLN A 120 9.05 7.21 1.80
N ALA A 121 8.28 6.79 2.80
CA ALA A 121 8.46 5.51 3.46
C ALA A 121 8.11 4.34 2.53
N ARG A 122 7.49 4.64 1.38
CA ARG A 122 7.09 3.57 0.43
C ARG A 122 7.84 3.73 -0.90
N ARG A 123 8.99 4.43 -0.89
CA ARG A 123 9.95 4.49 -2.02
C ARG A 123 10.68 3.15 -2.13
N PRO A 124 10.96 2.65 -3.36
CA PRO A 124 11.94 1.57 -3.56
C PRO A 124 13.27 1.80 -2.81
N PRO A 125 13.70 0.86 -1.95
CA PRO A 125 14.95 1.00 -1.22
C PRO A 125 16.21 1.33 -2.04
N GLY A 126 16.29 0.83 -3.28
CA GLY A 126 17.51 0.90 -4.11
C GLY A 126 17.69 2.09 -5.04
N LEU A 127 16.93 3.18 -4.82
CA LEU A 127 17.09 4.42 -5.60
C LEU A 127 18.03 5.45 -4.97
N GLU A 128 19.22 5.60 -5.58
CA GLU A 128 20.25 6.57 -5.14
C GLU A 128 19.67 7.99 -5.20
N TYR A 129 18.96 8.28 -6.30
CA TYR A 129 18.21 9.53 -6.55
C TYR A 129 17.32 9.92 -5.35
N SER A 130 16.38 9.02 -4.99
CA SER A 130 15.36 9.23 -3.94
C SER A 130 15.37 8.07 -2.95
N TYR A 131 16.15 8.24 -1.87
CA TYR A 131 16.32 7.17 -0.88
C TYR A 131 15.08 7.08 0.02
N ASN A 132 14.97 5.92 0.71
CA ASN A 132 13.91 5.61 1.67
C ASN A 132 14.45 5.86 3.07
N PRO A 133 13.98 6.92 3.78
CA PRO A 133 14.54 7.28 5.09
C PRO A 133 13.95 6.57 6.32
N SER A 134 13.18 5.48 6.12
CA SER A 134 12.51 4.79 7.24
C SER A 134 13.34 3.58 7.70
N PRO A 137 11.04 0.12 5.63
CA PRO A 137 10.69 0.10 4.21
C PRO A 137 9.28 -0.48 3.97
N GLU A 138 8.29 0.42 3.87
CA GLU A 138 6.88 0.07 3.73
C GLU A 138 6.60 -0.36 2.29
N GLU A 139 5.49 -1.09 2.11
CA GLU A 139 5.04 -1.61 0.82
C GLU A 139 4.92 -0.47 -0.19
N GLN A 140 5.41 -0.71 -1.41
CA GLN A 140 5.35 0.29 -2.48
C GLN A 140 3.90 0.51 -2.93
N LEU A 141 3.67 1.69 -3.53
CA LEU A 141 2.38 2.10 -4.08
C LEU A 141 2.39 1.84 -5.59
N SER A 142 1.30 1.27 -6.10
CA SER A 142 1.07 1.18 -7.54
C SER A 142 0.76 2.57 -8.09
N SER A 143 0.81 2.71 -9.43
CA SER A 143 0.53 4.00 -10.06
C SER A 143 -0.97 4.34 -9.86
N LYS A 144 -1.83 3.33 -9.74
CA LYS A 144 -3.25 3.52 -9.45
C LYS A 144 -3.45 4.09 -8.04
N ASP A 145 -2.65 3.60 -7.07
CA ASP A 145 -2.68 4.11 -5.70
C ASP A 145 -2.34 5.61 -5.70
N LEU A 146 -1.33 5.99 -6.50
CA LEU A 146 -0.82 7.33 -6.51
C LEU A 146 -1.81 8.29 -7.19
N VAL A 147 -2.44 7.84 -8.28
CA VAL A 147 -3.48 8.64 -8.94
C VAL A 147 -4.67 8.76 -7.98
N SER A 148 -4.90 7.72 -7.16
CA SER A 148 -5.98 7.71 -6.18
C SER A 148 -5.76 8.75 -5.07
N CYS A 149 -4.51 8.91 -4.61
CA CYS A 149 -4.14 9.92 -3.61
C CYS A 149 -4.47 11.32 -4.13
N ALA A 150 -4.19 11.54 -5.41
CA ALA A 150 -4.37 12.83 -6.06
C ALA A 150 -5.87 13.10 -6.25
N TYR A 151 -6.62 12.10 -6.72
CA TYR A 151 -8.09 12.19 -6.83
C TYR A 151 -8.70 12.62 -5.48
N GLN A 152 -8.28 11.96 -4.40
CA GLN A 152 -8.86 12.16 -3.08
C GLN A 152 -8.59 13.59 -2.60
N VAL A 153 -7.36 14.07 -2.76
CA VAL A 153 -6.97 15.38 -2.28
C VAL A 153 -7.74 16.44 -3.09
N ALA A 154 -7.97 16.15 -4.37
CA ALA A 154 -8.73 17.02 -5.25
C ALA A 154 -10.20 17.10 -4.82
N ARG A 155 -10.75 16.00 -4.33
CA ARG A 155 -12.13 15.95 -3.83
C ARG A 155 -12.23 16.79 -2.57
N GLY A 156 -11.25 16.65 -1.70
CA GLY A 156 -11.18 17.45 -0.49
C GLY A 156 -11.23 18.92 -0.82
N MET A 157 -10.51 19.31 -1.88
CA MET A 157 -10.33 20.70 -2.27
C MET A 157 -11.57 21.19 -3.02
N GLU A 158 -12.22 20.31 -3.77
CA GLU A 158 -13.49 20.61 -4.41
C GLU A 158 -14.49 21.02 -3.32
N TYR A 159 -14.55 20.25 -2.22
CA TYR A 159 -15.43 20.53 -1.10
C TYR A 159 -15.09 21.89 -0.49
N LEU A 160 -13.85 22.08 -0.04
CA LEU A 160 -13.43 23.34 0.60
C LEU A 160 -13.78 24.55 -0.28
N ALA A 161 -13.49 24.42 -1.58
CA ALA A 161 -13.77 25.44 -2.58
C ALA A 161 -15.28 25.75 -2.62
N SER A 162 -16.12 24.71 -2.67
CA SER A 162 -17.58 24.83 -2.61
C SER A 162 -18.03 25.53 -1.30
N LYS A 163 -17.24 25.44 -0.23
CA LYS A 163 -17.53 26.20 1.01
C LYS A 163 -16.79 27.55 1.03
N LYS A 164 -16.27 27.96 -0.13
CA LYS A 164 -15.63 29.26 -0.35
C LYS A 164 -14.40 29.40 0.55
N CYS A 165 -13.81 28.27 0.96
CA CYS A 165 -12.57 28.24 1.70
C CYS A 165 -11.40 28.19 0.71
N ILE A 166 -10.48 29.15 0.84
CA ILE A 166 -9.21 29.19 0.12
C ILE A 166 -8.13 28.73 1.08
N HIS A 167 -7.44 27.64 0.72
CA HIS A 167 -6.52 26.97 1.61
C HIS A 167 -5.27 27.83 1.85
N ARG A 168 -4.59 28.21 0.77
CA ARG A 168 -3.42 29.12 0.78
C ARG A 168 -2.10 28.40 1.11
N ASP A 169 -2.13 27.13 1.50
CA ASP A 169 -0.88 26.41 1.70
C ASP A 169 -1.07 24.90 1.48
N LEU A 170 -1.69 24.55 0.35
CA LEU A 170 -1.90 23.16 0.02
C LEU A 170 -0.56 22.57 -0.42
N ALA A 171 -0.23 21.41 0.13
CA ALA A 171 1.07 20.76 0.02
C ALA A 171 0.97 19.37 0.65
N ALA A 172 1.91 18.47 0.36
CA ALA A 172 1.84 17.09 0.86
C ALA A 172 2.07 17.05 2.38
N ARG A 173 2.88 17.96 2.90
CA ARG A 173 3.04 18.16 4.34
C ARG A 173 1.66 18.36 5.01
N ASN A 174 0.74 19.09 4.36
CA ASN A 174 -0.53 19.51 4.94
C ASN A 174 -1.67 18.58 4.48
N VAL A 175 -1.32 17.36 4.06
CA VAL A 175 -2.30 16.29 3.86
C VAL A 175 -1.91 15.16 4.81
N LEU A 176 -2.90 14.63 5.54
CA LEU A 176 -2.70 13.57 6.51
C LEU A 176 -3.38 12.30 5.98
N VAL A 177 -2.86 11.13 6.40
CA VAL A 177 -3.29 9.82 5.85
C VAL A 177 -3.71 8.91 7.01
N THR A 178 -4.90 8.32 6.90
CA THR A 178 -5.48 7.50 7.99
C THR A 178 -5.01 6.04 7.88
N GLU A 179 -5.45 5.23 8.84
CA GLU A 179 -5.21 3.81 8.88
C GLU A 179 -5.76 3.16 7.60
N ASP A 180 -6.82 3.73 7.04
CA ASP A 180 -7.47 3.21 5.82
C ASP A 180 -6.95 3.90 4.56
N ASN A 181 -5.79 4.57 4.64
CA ASN A 181 -5.14 5.23 3.50
C ASN A 181 -6.07 6.30 2.91
N VAL A 182 -6.80 7.01 3.79
CA VAL A 182 -7.71 8.05 3.35
C VAL A 182 -6.97 9.40 3.46
N MET A 183 -6.97 10.15 2.36
CA MET A 183 -6.31 11.44 2.32
C MET A 183 -7.25 12.47 2.98
N LYS A 184 -6.68 13.25 3.90
CA LYS A 184 -7.42 14.25 4.61
C LYS A 184 -6.63 15.55 4.64
N ILE A 185 -7.19 16.58 4.01
CA ILE A 185 -6.58 17.90 3.96
C ILE A 185 -6.59 18.51 5.35
N ALA A 186 -5.48 19.12 5.75
CA ALA A 186 -5.30 19.72 7.06
C ALA A 186 -4.95 21.20 6.91
N ASP A 187 -5.06 21.93 8.02
CA ASP A 187 -4.66 23.32 8.18
C ASP A 187 -5.34 24.23 7.15
N PHE A 188 -6.64 23.99 6.89
CA PHE A 188 -7.42 24.77 5.92
C PHE A 188 -8.11 25.97 6.59
N GLY A 189 -7.77 26.23 7.85
CA GLY A 189 -8.33 27.34 8.60
C GLY A 189 -7.38 28.22 9.40
N LEU A 190 -6.08 27.94 9.31
CA LEU A 190 -5.06 28.86 9.83
C LEU A 190 -5.10 30.30 9.30
N PRO A 209 7.63 27.23 1.73
CA PRO A 209 6.24 27.58 1.41
C PRO A 209 6.11 28.33 0.07
N VAL A 210 7.08 29.21 -0.21
CA VAL A 210 7.17 29.97 -1.47
C VAL A 210 7.10 29.04 -2.70
N LYS A 211 7.59 27.81 -2.59
N LYS A 211 7.61 27.81 -2.55
CA LYS A 211 7.69 26.91 -3.74
CA LYS A 211 7.74 26.82 -3.63
C LYS A 211 6.36 26.21 -4.02
C LYS A 211 6.36 26.27 -4.05
N TRP A 212 5.31 26.59 -3.28
CA TRP A 212 3.94 26.11 -3.54
C TRP A 212 3.01 27.27 -3.97
N MET A 213 3.55 28.50 -4.00
CA MET A 213 2.76 29.72 -4.22
C MET A 213 2.70 30.07 -5.72
N ALA A 214 1.47 30.29 -6.23
CA ALA A 214 1.27 30.78 -7.58
C ALA A 214 2.00 32.10 -7.74
N PRO A 215 2.43 32.51 -8.96
CA PRO A 215 3.21 33.73 -9.11
C PRO A 215 2.45 34.95 -8.56
N GLU A 216 1.12 34.97 -8.71
CA GLU A 216 0.30 36.12 -8.35
C GLU A 216 0.19 36.20 -6.82
N ALA A 217 0.43 35.07 -6.16
CA ALA A 217 0.52 35.01 -4.69
C ALA A 217 1.87 35.53 -4.21
N LEU A 218 2.96 35.13 -4.88
CA LEU A 218 4.33 35.62 -4.60
C LEU A 218 4.40 37.14 -4.73
N PHE A 219 3.90 37.63 -5.87
CA PHE A 219 4.01 39.03 -6.26
C PHE A 219 3.07 40.01 -5.56
N ASP A 220 1.77 39.73 -5.68
CA ASP A 220 0.70 40.70 -5.44
C ASP A 220 -0.07 40.24 -4.18
N ARG A 221 0.33 39.09 -3.63
CA ARG A 221 -0.27 38.51 -2.44
C ARG A 221 -1.78 38.30 -2.65
N ILE A 222 -2.17 37.99 -3.88
CA ILE A 222 -3.55 37.68 -4.23
C ILE A 222 -3.74 36.16 -4.17
N TYR A 223 -4.55 35.70 -3.20
CA TYR A 223 -4.88 34.28 -3.01
C TYR A 223 -6.31 33.98 -3.46
N THR A 224 -6.49 32.92 -4.25
CA THR A 224 -7.77 32.54 -4.84
C THR A 224 -7.85 31.02 -4.95
N HIS A 225 -9.02 30.49 -5.30
CA HIS A 225 -9.15 29.06 -5.62
C HIS A 225 -8.17 28.68 -6.72
N GLN A 226 -7.96 29.61 -7.67
CA GLN A 226 -7.02 29.43 -8.80
C GLN A 226 -5.57 29.32 -8.31
N SER A 227 -5.16 30.10 -7.28
CA SER A 227 -3.80 29.96 -6.75
C SER A 227 -3.70 28.64 -5.95
N ASP A 228 -4.82 28.15 -5.44
CA ASP A 228 -4.83 26.86 -4.76
C ASP A 228 -4.60 25.75 -5.79
N VAL A 229 -5.17 25.91 -6.99
CA VAL A 229 -5.02 24.95 -8.08
C VAL A 229 -3.53 24.88 -8.50
N TRP A 230 -2.82 26.02 -8.49
CA TRP A 230 -1.38 26.05 -8.73
C TRP A 230 -0.68 25.12 -7.73
N SER A 231 -0.94 25.35 -6.44
CA SER A 231 -0.35 24.60 -5.35
C SER A 231 -0.65 23.11 -5.51
N PHE A 232 -1.86 22.79 -5.98
CA PHE A 232 -2.25 21.39 -6.20
C PHE A 232 -1.37 20.75 -7.28
N GLY A 233 -1.01 21.55 -8.29
CA GLY A 233 -0.04 21.15 -9.32
C GLY A 233 1.29 20.72 -8.70
N VAL A 234 1.81 21.55 -7.79
CA VAL A 234 3.07 21.26 -7.11
C VAL A 234 2.91 19.98 -6.26
N LEU A 235 1.71 19.75 -5.71
CA LEU A 235 1.37 18.60 -4.89
C LEU A 235 1.31 17.32 -5.73
N LEU A 236 0.74 17.41 -6.94
CA LEU A 236 0.80 16.26 -7.90
C LEU A 236 2.26 15.83 -8.15
N TRP A 237 3.14 16.82 -8.34
CA TRP A 237 4.57 16.61 -8.52
C TRP A 237 5.18 15.89 -7.29
N GLU A 238 4.82 16.37 -6.09
CA GLU A 238 5.22 15.75 -4.81
C GLU A 238 4.82 14.28 -4.77
N ILE A 239 3.59 13.97 -5.19
CA ILE A 239 3.06 12.62 -5.19
C ILE A 239 3.91 11.75 -6.13
N PHE A 240 4.12 12.20 -7.37
CA PHE A 240 4.67 11.32 -8.39
C PHE A 240 6.18 11.22 -8.24
N THR A 241 6.80 12.11 -7.44
CA THR A 241 8.20 11.97 -7.02
C THR A 241 8.29 11.24 -5.67
N LEU A 242 7.17 10.67 -5.22
CA LEU A 242 7.06 9.99 -3.92
C LEU A 242 7.66 10.86 -2.82
N GLY A 243 7.24 12.13 -2.81
CA GLY A 243 7.57 13.07 -1.77
C GLY A 243 8.88 13.82 -2.01
N GLY A 244 9.21 14.11 -3.28
CA GLY A 244 10.37 14.95 -3.59
C GLY A 244 10.19 16.40 -3.15
N SER A 245 11.30 17.14 -3.03
CA SER A 245 11.23 18.58 -2.73
C SER A 245 11.31 19.37 -4.04
N PRO A 246 10.31 20.21 -4.37
CA PRO A 246 10.24 20.85 -5.69
C PRO A 246 11.33 21.92 -5.90
N TYR A 247 11.54 22.24 -7.19
CA TYR A 247 12.61 23.14 -7.69
C TYR A 247 13.93 22.85 -6.97
N PRO A 248 14.45 21.61 -7.02
CA PRO A 248 15.63 21.25 -6.23
C PRO A 248 16.84 22.08 -6.69
N GLY A 249 17.46 22.78 -5.74
CA GLY A 249 18.67 23.57 -6.00
C GLY A 249 18.37 24.99 -6.46
N VAL A 250 17.09 25.33 -6.66
CA VAL A 250 16.73 26.68 -7.10
C VAL A 250 16.64 27.57 -5.86
N PRO A 251 17.40 28.69 -5.78
CA PRO A 251 17.26 29.63 -4.67
C PRO A 251 15.89 30.31 -4.72
N VAL A 252 15.30 30.52 -3.54
CA VAL A 252 13.97 31.17 -3.35
C VAL A 252 13.99 32.56 -4.01
N GLU A 253 15.11 33.29 -3.82
CA GLU A 253 15.32 34.68 -4.27
C GLU A 253 15.06 34.80 -5.78
N GLU A 254 15.54 33.82 -6.54
CA GLU A 254 15.43 33.79 -8.01
C GLU A 254 14.01 33.42 -8.45
N LEU A 255 13.33 32.59 -7.64
CA LEU A 255 12.18 31.77 -8.04
C LEU A 255 11.16 32.54 -8.89
N PHE A 256 10.82 33.77 -8.47
CA PHE A 256 9.77 34.58 -9.17
C PHE A 256 10.13 34.77 -10.65
N LYS A 257 11.33 35.28 -10.92
CA LYS A 257 11.81 35.62 -12.26
C LYS A 257 11.72 34.40 -13.19
N LEU A 258 12.19 33.24 -12.72
CA LEU A 258 12.23 32.02 -13.54
C LEU A 258 10.82 31.69 -14.02
N LEU A 259 9.84 31.80 -13.12
CA LEU A 259 8.44 31.46 -13.41
C LEU A 259 7.87 32.42 -14.45
N LYS A 260 8.08 33.72 -14.22
CA LYS A 260 7.65 34.79 -15.15
C LYS A 260 8.20 34.50 -16.55
N GLU A 261 9.43 33.97 -16.62
CA GLU A 261 10.09 33.59 -17.86
C GLU A 261 9.56 32.25 -18.40
N GLY A 262 8.55 31.66 -17.73
CA GLY A 262 7.89 30.43 -18.20
C GLY A 262 8.60 29.15 -17.78
N HIS A 263 9.48 29.25 -16.77
CA HIS A 263 10.14 28.10 -16.12
C HIS A 263 9.08 27.23 -15.40
N ARG A 264 9.10 25.92 -15.67
CA ARG A 264 8.33 24.93 -14.89
C ARG A 264 9.21 23.74 -14.50
N MET A 265 8.81 23.05 -13.44
CA MET A 265 9.47 21.81 -13.05
C MET A 265 9.31 20.82 -14.21
N ASP A 266 10.33 19.96 -14.35
CA ASP A 266 10.38 18.92 -15.36
C ASP A 266 9.42 17.80 -14.92
N LYS A 267 8.98 16.99 -15.88
CA LYS A 267 8.15 15.85 -15.58
C LYS A 267 8.93 14.92 -14.63
N PRO A 268 8.28 14.39 -13.57
CA PRO A 268 8.83 13.27 -12.82
C PRO A 268 8.96 12.01 -13.70
N SER A 269 9.92 11.14 -13.36
CA SER A 269 10.36 10.02 -14.19
C SER A 269 9.25 8.99 -14.38
N ASN A 270 8.41 8.79 -13.36
CA ASN A 270 7.40 7.72 -13.37
C ASN A 270 6.06 8.26 -13.91
N CYS A 271 5.90 9.59 -13.90
CA CYS A 271 4.68 10.31 -14.24
C CYS A 271 4.33 10.09 -15.73
N THR A 272 3.05 9.79 -16.04
CA THR A 272 2.60 9.70 -17.44
C THR A 272 2.56 11.11 -18.05
N ASN A 273 2.56 11.19 -19.38
CA ASN A 273 2.51 12.47 -20.11
C ASN A 273 1.20 13.21 -19.78
N GLU A 274 0.10 12.45 -19.64
CA GLU A 274 -1.24 12.99 -19.35
C GLU A 274 -1.25 13.73 -18.00
N LEU A 275 -0.62 13.13 -17.00
CA LEU A 275 -0.63 13.69 -15.67
C LEU A 275 0.36 14.85 -15.59
N TYR A 276 1.36 14.87 -16.49
CA TYR A 276 2.26 16.01 -16.57
C TYR A 276 1.53 17.19 -17.19
N MET A 277 0.70 16.92 -18.21
CA MET A 277 -0.13 17.94 -18.85
C MET A 277 -1.00 18.61 -17.78
N MET A 278 -1.55 17.78 -16.87
CA MET A 278 -2.42 18.25 -15.79
C MET A 278 -1.64 19.19 -14.85
N MET A 279 -0.42 18.79 -14.49
CA MET A 279 0.45 19.64 -13.67
C MET A 279 0.68 20.99 -14.35
N ARG A 280 1.03 20.95 -15.65
CA ARG A 280 1.37 22.14 -16.44
C ARG A 280 0.16 23.07 -16.52
N ASP A 281 -1.01 22.49 -16.79
CA ASP A 281 -2.29 23.22 -16.85
C ASP A 281 -2.57 23.92 -15.52
N CYS A 282 -2.34 23.20 -14.41
CA CYS A 282 -2.48 23.78 -13.10
C CYS A 282 -1.53 24.97 -12.97
N TRP A 283 -0.39 24.89 -13.66
CA TRP A 283 0.68 25.93 -13.58
C TRP A 283 0.56 27.00 -14.68
N HIS A 284 -0.62 27.17 -15.26
CA HIS A 284 -0.87 28.28 -16.18
C HIS A 284 -0.58 29.62 -15.49
N ALA A 285 0.06 30.55 -16.20
CA ALA A 285 0.45 31.85 -15.66
C ALA A 285 -0.78 32.74 -15.50
N VAL A 286 -1.70 32.64 -16.46
CA VAL A 286 -2.98 33.32 -16.36
C VAL A 286 -3.89 32.50 -15.45
N PRO A 287 -4.21 32.99 -14.23
CA PRO A 287 -5.06 32.24 -13.30
C PRO A 287 -6.38 31.72 -13.88
N SER A 288 -7.09 32.56 -14.64
CA SER A 288 -8.40 32.20 -15.20
C SER A 288 -8.30 30.99 -16.13
N GLN A 289 -7.09 30.59 -16.56
CA GLN A 289 -6.95 29.52 -17.54
C GLN A 289 -6.59 28.19 -16.87
N ARG A 290 -6.30 28.22 -15.57
CA ARG A 290 -6.12 27.00 -14.78
C ARG A 290 -7.46 26.24 -14.71
N PRO A 291 -7.44 24.88 -14.66
CA PRO A 291 -8.68 24.12 -14.47
C PRO A 291 -9.19 24.36 -13.05
N THR A 292 -10.49 24.10 -12.84
CA THR A 292 -11.08 24.10 -11.53
C THR A 292 -10.87 22.73 -10.85
N PHE A 293 -11.09 22.72 -9.53
CA PHE A 293 -11.12 21.49 -8.74
C PHE A 293 -12.26 20.57 -9.20
N LYS A 294 -13.40 21.12 -9.64
CA LYS A 294 -14.48 20.30 -10.22
C LYS A 294 -13.93 19.48 -11.40
N GLN A 295 -13.28 20.15 -12.34
CA GLN A 295 -12.71 19.54 -13.54
C GLN A 295 -11.62 18.51 -13.18
N LEU A 296 -10.75 18.88 -12.23
CA LEU A 296 -9.64 18.00 -11.84
C LEU A 296 -10.20 16.71 -11.25
N VAL A 297 -11.29 16.82 -10.48
CA VAL A 297 -11.92 15.66 -9.87
C VAL A 297 -12.41 14.75 -11.01
N GLU A 298 -13.20 15.30 -11.92
CA GLU A 298 -13.72 14.54 -13.05
C GLU A 298 -12.57 13.88 -13.82
N ASP A 299 -11.47 14.61 -14.02
CA ASP A 299 -10.37 14.12 -14.85
C ASP A 299 -9.63 12.98 -14.13
N LEU A 300 -9.38 13.15 -12.82
CA LEU A 300 -8.69 12.14 -12.00
C LEU A 300 -9.59 10.91 -11.81
N ASP A 301 -10.91 11.08 -11.89
CA ASP A 301 -11.86 9.98 -11.74
C ASP A 301 -11.77 9.05 -12.98
N ARG A 302 -11.71 9.64 -14.17
CA ARG A 302 -11.48 8.84 -15.38
C ARG A 302 -10.06 8.22 -15.36
N ILE A 303 -9.05 9.01 -14.98
CA ILE A 303 -7.66 8.55 -15.00
C ILE A 303 -7.50 7.38 -14.04
N VAL A 304 -7.96 7.54 -12.80
CA VAL A 304 -7.84 6.46 -11.81
C VAL A 304 -8.37 5.17 -12.43
N ALA A 305 -9.58 5.23 -13.00
CA ALA A 305 -10.29 4.03 -13.47
C ALA A 305 -9.52 3.33 -14.61
N LEU A 306 -8.74 4.08 -15.40
CA LEU A 306 -8.02 3.52 -16.54
C LEU A 306 -6.58 3.16 -16.16
N THR A 307 -6.09 3.64 -15.01
CA THR A 307 -4.72 3.38 -14.55
C THR A 307 -4.68 1.98 -13.91
N SER A 308 -3.63 1.22 -14.21
CA SER A 308 -3.45 -0.15 -13.71
C SER A 308 -2.78 -0.15 -12.33
N ASN A 309 -3.19 -1.11 -11.50
CA ASN A 309 -2.55 -1.39 -10.21
C ASN A 309 -1.35 -2.33 -10.40
N GLN A 310 -1.25 -2.94 -11.60
CA GLN A 310 -0.28 -4.00 -11.89
C GLN A 310 1.17 -3.49 -11.69
N GLU A 311 1.39 -2.18 -11.92
CA GLU A 311 2.68 -1.53 -11.66
C GLU A 311 2.43 -0.18 -10.98
N TYR B 9 1.84 -12.08 27.55
CA TYR B 9 1.22 -13.14 28.41
C TYR B 9 -0.11 -13.61 27.82
N GLU B 10 -0.67 -12.83 26.90
CA GLU B 10 -1.95 -13.17 26.29
C GLU B 10 -2.10 -12.51 24.92
N LEU B 11 -2.66 -13.21 23.95
CA LEU B 11 -2.99 -12.59 22.65
C LEU B 11 -4.50 -12.40 22.58
N PRO B 12 -5.02 -11.45 21.78
CA PRO B 12 -6.46 -11.28 21.64
C PRO B 12 -7.06 -12.44 20.87
N GLU B 13 -8.35 -12.67 21.09
CA GLU B 13 -9.04 -13.80 20.47
C GLU B 13 -9.88 -13.26 19.30
N ASP B 14 -9.97 -14.06 18.22
CA ASP B 14 -10.91 -13.82 17.09
C ASP B 14 -11.84 -15.02 16.98
N PRO B 15 -13.00 -15.00 17.67
CA PRO B 15 -13.89 -16.17 17.74
C PRO B 15 -14.32 -16.78 16.39
N ARG B 16 -14.32 -16.00 15.30
CA ARG B 16 -14.67 -16.54 13.96
C ARG B 16 -13.68 -17.64 13.51
N TRP B 17 -12.42 -17.57 13.98
CA TRP B 17 -11.32 -18.40 13.46
C TRP B 17 -10.76 -19.35 14.53
N GLU B 18 -11.18 -19.16 15.79
CA GLU B 18 -10.57 -19.84 16.91
C GLU B 18 -10.95 -21.32 16.90
N LEU B 19 -9.96 -22.19 17.09
CA LEU B 19 -10.19 -23.62 17.27
C LEU B 19 -9.74 -24.02 18.67
N PRO B 20 -10.65 -24.62 19.48
CA PRO B 20 -10.26 -25.26 20.74
C PRO B 20 -9.04 -26.20 20.56
N ARG B 21 -8.06 -26.06 21.44
CA ARG B 21 -6.81 -26.86 21.37
C ARG B 21 -7.09 -28.36 21.44
N ASP B 22 -8.19 -28.78 22.02
CA ASP B 22 -8.51 -30.20 22.22
C ASP B 22 -9.10 -30.82 20.94
N ARG B 23 -9.39 -30.00 19.92
CA ARG B 23 -9.94 -30.47 18.64
C ARG B 23 -8.83 -30.53 17.56
N LEU B 24 -7.57 -30.53 18.01
CA LEU B 24 -6.39 -30.56 17.14
C LEU B 24 -5.34 -31.51 17.76
N VAL B 25 -4.82 -32.44 16.94
CA VAL B 25 -3.84 -33.42 17.39
C VAL B 25 -2.58 -33.27 16.51
N LEU B 26 -1.47 -32.85 17.14
CA LEU B 26 -0.19 -32.63 16.43
C LEU B 26 0.46 -33.98 16.07
N GLY B 27 1.19 -33.96 14.95
CA GLY B 27 1.97 -35.08 14.45
C GLY B 27 3.41 -34.68 14.18
N LYS B 28 4.00 -35.29 13.15
CA LYS B 28 5.42 -35.12 12.81
C LYS B 28 5.64 -33.72 12.22
N PRO B 29 6.85 -33.14 12.34
CA PRO B 29 7.21 -31.95 11.58
C PRO B 29 7.19 -32.19 10.07
N LEU B 30 6.82 -31.15 9.31
CA LEU B 30 6.80 -31.18 7.85
C LEU B 30 8.09 -30.52 7.29
N GLY B 31 8.81 -29.79 8.16
CA GLY B 31 10.11 -29.19 7.85
C GLY B 31 11.14 -30.22 7.42
N GLN B 37 8.38 -23.04 12.52
CA GLN B 37 8.28 -24.44 12.15
C GLN B 37 6.83 -24.83 11.82
N VAL B 38 6.71 -25.90 11.03
CA VAL B 38 5.44 -26.33 10.45
C VAL B 38 5.26 -27.82 10.75
N VAL B 39 4.10 -28.21 11.29
CA VAL B 39 3.86 -29.58 11.67
C VAL B 39 2.53 -30.04 11.08
N LEU B 40 2.48 -31.33 10.74
CA LEU B 40 1.28 -31.97 10.26
C LEU B 40 0.40 -32.26 11.48
N ALA B 41 -0.92 -32.07 11.33
CA ALA B 41 -1.84 -32.32 12.41
C ALA B 41 -3.17 -32.82 11.83
N GLU B 42 -4.01 -33.35 12.71
CA GLU B 42 -5.39 -33.71 12.40
C GLU B 42 -6.30 -32.82 13.25
N ALA B 43 -7.28 -32.20 12.58
CA ALA B 43 -8.18 -31.27 13.21
C ALA B 43 -9.62 -31.80 13.09
N ILE B 44 -10.36 -31.74 14.20
CA ILE B 44 -11.78 -32.10 14.23
C ILE B 44 -12.61 -30.81 14.31
N GLY B 45 -13.27 -30.49 13.20
CA GLY B 45 -14.35 -29.50 13.17
C GLY B 45 -14.11 -28.13 12.57
N LEU B 46 -13.14 -27.96 11.74
CA LEU B 46 -12.87 -26.71 11.05
C LEU B 46 -14.02 -26.08 10.26
N ASP B 47 -14.54 -26.84 9.28
CA ASP B 47 -15.58 -26.37 8.36
C ASP B 47 -16.91 -26.21 9.11
N LYS B 50 -20.15 -28.93 9.68
CA LYS B 50 -19.68 -30.31 9.88
C LYS B 50 -18.58 -30.33 10.95
N PRO B 51 -18.94 -30.07 12.22
CA PRO B 51 -17.96 -30.06 13.32
C PRO B 51 -17.34 -31.40 13.77
N ASN B 52 -17.79 -32.52 13.20
CA ASN B 52 -17.19 -33.84 13.47
C ASN B 52 -16.34 -34.42 12.32
N ARG B 53 -16.14 -33.63 11.26
CA ARG B 53 -15.28 -34.03 10.16
C ARG B 53 -13.82 -33.83 10.62
N VAL B 54 -12.95 -34.79 10.25
CA VAL B 54 -11.55 -34.82 10.61
C VAL B 54 -10.76 -34.48 9.35
N THR B 55 -10.02 -33.36 9.41
CA THR B 55 -9.20 -32.89 8.30
C THR B 55 -7.73 -32.92 8.75
N LYS B 56 -6.87 -33.52 7.91
CA LYS B 56 -5.42 -33.38 8.02
C LYS B 56 -5.03 -31.96 7.62
N VAL B 57 -4.21 -31.32 8.46
CA VAL B 57 -3.85 -29.91 8.28
C VAL B 57 -2.35 -29.72 8.54
N ALA B 58 -1.89 -28.52 8.21
CA ALA B 58 -0.54 -28.06 8.49
C ALA B 58 -0.64 -26.93 9.50
N VAL B 59 0.26 -26.92 10.48
CA VAL B 59 0.19 -25.97 11.57
C VAL B 59 1.54 -25.26 11.68
N LYS B 60 1.50 -23.92 11.55
CA LYS B 60 2.67 -23.09 11.71
C LYS B 60 2.72 -22.51 13.13
N MET B 61 3.89 -22.64 13.76
CA MET B 61 4.11 -22.12 15.10
C MET B 61 5.54 -21.58 15.22
N LEU B 62 5.79 -20.80 16.26
CA LEU B 62 7.13 -20.35 16.60
C LEU B 62 8.01 -21.54 17.00
N LYS B 63 9.32 -21.40 16.75
CA LYS B 63 10.36 -22.23 17.34
C LYS B 63 10.54 -21.73 18.77
N SER B 64 11.16 -22.56 19.63
CA SER B 64 11.37 -22.22 21.06
C SER B 64 12.28 -20.99 21.21
N ASP B 65 13.13 -20.74 20.21
CA ASP B 65 14.11 -19.63 20.21
C ASP B 65 13.45 -18.28 19.92
N ALA B 66 12.15 -18.27 19.60
CA ALA B 66 11.50 -17.09 19.02
C ALA B 66 11.42 -15.97 20.07
N THR B 67 11.13 -14.75 19.60
CA THR B 67 11.12 -13.54 20.38
C THR B 67 9.78 -12.84 20.18
N GLU B 68 9.54 -11.76 20.94
CA GLU B 68 8.27 -11.02 20.85
C GLU B 68 8.04 -10.56 19.41
N LYS B 69 9.14 -10.28 18.69
CA LYS B 69 9.11 -9.78 17.31
C LYS B 69 8.58 -10.86 16.36
N ASP B 70 9.19 -12.05 16.44
CA ASP B 70 8.78 -13.24 15.65
C ASP B 70 7.28 -13.55 15.80
N LEU B 71 6.72 -13.40 17.00
CA LEU B 71 5.29 -13.69 17.27
C LEU B 71 4.38 -12.67 16.58
N SER B 72 4.74 -11.38 16.63
CA SER B 72 3.89 -10.34 16.02
C SER B 72 3.95 -10.47 14.50
N ASP B 73 5.08 -10.98 14.00
CA ASP B 73 5.24 -11.30 12.58
C ASP B 73 4.28 -12.42 12.20
N LEU B 74 4.25 -13.48 13.03
CA LEU B 74 3.40 -14.63 12.79
C LEU B 74 1.92 -14.23 12.93
N ILE B 75 1.62 -13.29 13.83
CA ILE B 75 0.26 -12.77 13.98
C ILE B 75 -0.13 -11.98 12.73
N SER B 76 0.79 -11.13 12.23
CA SER B 76 0.57 -10.33 11.01
C SER B 76 0.31 -11.25 9.82
N GLU B 77 1.10 -12.32 9.73
CA GLU B 77 0.97 -13.30 8.67
C GLU B 77 -0.47 -13.85 8.66
N MET B 78 -0.95 -14.25 9.84
CA MET B 78 -2.33 -14.73 10.05
C MET B 78 -3.35 -13.66 9.61
N GLU B 79 -3.20 -12.43 10.11
CA GLU B 79 -4.13 -11.31 9.82
C GLU B 79 -4.15 -11.02 8.32
N MET B 80 -2.97 -10.99 7.69
CA MET B 80 -2.86 -10.82 6.24
C MET B 80 -3.70 -11.89 5.53
N MET B 81 -3.59 -13.16 5.96
CA MET B 81 -4.30 -14.23 5.28
C MET B 81 -5.82 -14.10 5.46
N LYS B 82 -6.26 -13.44 6.53
CA LYS B 82 -7.70 -13.17 6.76
C LYS B 82 -8.22 -12.13 5.75
N MET B 83 -7.45 -11.05 5.54
CA MET B 83 -7.80 -9.96 4.60
C MET B 83 -7.78 -10.47 3.15
N ILE B 84 -6.81 -11.32 2.80
CA ILE B 84 -6.66 -11.82 1.43
C ILE B 84 -7.88 -12.67 1.04
N GLY B 85 -8.38 -13.47 1.98
CA GLY B 85 -9.54 -14.31 1.70
C GLY B 85 -9.14 -15.56 0.96
N LYS B 86 -10.12 -16.44 0.68
CA LYS B 86 -9.89 -17.80 0.18
C LYS B 86 -9.79 -17.83 -1.35
N HIS B 87 -8.96 -18.76 -1.86
CA HIS B 87 -8.91 -19.17 -3.29
C HIS B 87 -8.40 -20.62 -3.37
N LYS B 88 -8.90 -21.36 -4.37
CA LYS B 88 -8.53 -22.76 -4.60
C LYS B 88 -7.03 -22.93 -4.86
N ASN B 89 -6.33 -21.94 -5.44
CA ASN B 89 -4.91 -22.11 -5.80
C ASN B 89 -3.99 -21.25 -4.93
N ILE B 90 -4.39 -20.99 -3.68
CA ILE B 90 -3.47 -20.55 -2.63
C ILE B 90 -3.64 -21.51 -1.44
N ILE B 91 -2.64 -21.55 -0.55
CA ILE B 91 -2.76 -22.24 0.73
C ILE B 91 -3.66 -21.36 1.62
N ASN B 92 -4.86 -21.86 1.98
CA ASN B 92 -5.86 -21.08 2.71
C ASN B 92 -5.71 -21.22 4.23
N LEU B 93 -6.08 -20.16 4.96
CA LEU B 93 -6.21 -20.18 6.41
C LEU B 93 -7.44 -21.02 6.77
N LEU B 94 -7.28 -21.98 7.69
CA LEU B 94 -8.37 -22.87 8.12
C LEU B 94 -8.86 -22.53 9.53
N GLY B 95 -8.00 -21.95 10.37
CA GLY B 95 -8.30 -21.66 11.77
C GLY B 95 -7.03 -21.39 12.56
N ALA B 96 -7.17 -21.11 13.85
CA ALA B 96 -6.04 -20.75 14.72
C ALA B 96 -6.32 -21.15 16.18
N CYS B 97 -5.23 -21.37 16.92
CA CYS B 97 -5.27 -21.58 18.37
C CYS B 97 -4.45 -20.42 18.95
N THR B 98 -5.11 -19.40 19.44
CA THR B 98 -4.37 -18.21 19.91
C THR B 98 -4.35 -18.13 21.43
N GLN B 99 -5.34 -18.70 22.10
CA GLN B 99 -5.46 -18.60 23.56
C GLN B 99 -4.87 -19.80 24.32
N ASP B 100 -4.30 -19.50 25.49
CA ASP B 100 -3.89 -20.46 26.55
C ASP B 100 -2.93 -21.50 25.97
N GLY B 101 -1.80 -21.04 25.43
CA GLY B 101 -0.77 -21.91 24.83
C GLY B 101 -0.17 -21.28 23.57
N PRO B 102 0.78 -21.96 22.87
CA PRO B 102 1.47 -21.37 21.72
C PRO B 102 0.49 -21.04 20.59
N LEU B 103 0.83 -20.02 19.77
CA LEU B 103 0.03 -19.61 18.62
C LEU B 103 0.15 -20.69 17.53
N TYR B 104 -0.98 -21.26 17.13
CA TYR B 104 -1.06 -22.19 16.02
C TYR B 104 -1.88 -21.58 14.89
N VAL B 105 -1.26 -21.40 13.73
CA VAL B 105 -1.94 -20.96 12.53
C VAL B 105 -2.09 -22.20 11.66
N ILE B 106 -3.35 -22.58 11.40
CA ILE B 106 -3.70 -23.83 10.76
C ILE B 106 -4.06 -23.55 9.30
N VAL B 107 -3.38 -24.23 8.38
CA VAL B 107 -3.56 -24.01 6.94
C VAL B 107 -3.73 -25.36 6.23
N GLU B 108 -4.12 -25.29 4.96
CA GLU B 108 -4.40 -26.47 4.16
C GLU B 108 -3.11 -27.28 3.97
N TYR B 109 -3.23 -28.61 4.10
CA TYR B 109 -2.12 -29.59 3.95
C TYR B 109 -1.93 -29.94 2.47
N ALA B 110 -0.68 -29.89 1.99
CA ALA B 110 -0.33 -30.24 0.62
C ALA B 110 0.50 -31.53 0.64
N SER B 111 -0.16 -32.66 0.32
CA SER B 111 0.34 -34.01 0.60
C SER B 111 1.52 -34.40 -0.30
N LYS B 112 1.65 -33.78 -1.49
CA LYS B 112 2.66 -34.18 -2.48
C LYS B 112 3.82 -33.18 -2.54
N GLY B 113 3.99 -32.38 -1.47
CA GLY B 113 5.14 -31.49 -1.30
C GLY B 113 5.12 -30.31 -2.27
N ASN B 114 6.28 -29.68 -2.42
CA ASN B 114 6.43 -28.48 -3.24
C ASN B 114 6.55 -28.90 -4.71
N LEU B 115 6.27 -27.95 -5.62
CA LEU B 115 6.11 -28.23 -7.05
C LEU B 115 7.43 -28.72 -7.65
N ARG B 116 8.55 -28.23 -7.12
CA ARG B 116 9.87 -28.57 -7.67
C ARG B 116 10.14 -30.06 -7.45
N GLU B 117 9.92 -30.52 -6.22
CA GLU B 117 10.08 -31.95 -5.85
C GLU B 117 9.03 -32.82 -6.54
N TYR B 118 7.80 -32.32 -6.65
CA TYR B 118 6.73 -33.00 -7.41
C TYR B 118 7.17 -33.25 -8.86
N LEU B 119 7.85 -32.27 -9.46
CA LEU B 119 8.21 -32.35 -10.88
C LEU B 119 9.43 -33.28 -11.03
N GLN B 120 10.36 -33.19 -10.06
CA GLN B 120 11.60 -33.96 -10.07
C GLN B 120 11.29 -35.45 -9.94
N ALA B 121 10.20 -35.79 -9.25
CA ALA B 121 9.83 -37.17 -8.96
C ALA B 121 9.10 -37.80 -10.15
N ARG B 122 8.63 -37.00 -11.12
CA ARG B 122 7.94 -37.51 -12.31
C ARG B 122 8.76 -37.23 -13.59
N ARG B 123 10.09 -37.21 -13.44
CA ARG B 123 11.05 -37.06 -14.56
C ARG B 123 11.20 -38.39 -15.31
N PRO B 124 10.90 -38.45 -16.62
CA PRO B 124 11.09 -39.67 -17.41
C PRO B 124 12.54 -39.89 -17.90
N GLN B 140 4.65 -40.02 -14.40
CA GLN B 140 5.01 -39.29 -15.62
C GLN B 140 3.91 -38.27 -15.95
N LEU B 141 4.34 -37.06 -16.32
CA LEU B 141 3.48 -35.91 -16.55
C LEU B 141 3.36 -35.62 -18.05
N SER B 142 2.13 -35.48 -18.54
CA SER B 142 1.85 -35.11 -19.93
C SER B 142 2.17 -33.63 -20.18
N SER B 143 2.12 -33.22 -21.44
CA SER B 143 2.23 -31.82 -21.81
C SER B 143 1.09 -31.01 -21.16
N LYS B 144 -0.13 -31.56 -21.22
CA LYS B 144 -1.31 -30.88 -20.62
C LYS B 144 -1.03 -30.64 -19.13
N ASP B 145 -0.78 -31.73 -18.39
CA ASP B 145 -0.46 -31.64 -16.97
C ASP B 145 0.37 -30.38 -16.71
N LEU B 146 1.49 -30.24 -17.41
CA LEU B 146 2.45 -29.21 -17.09
C LEU B 146 1.85 -27.83 -17.40
N VAL B 147 0.98 -27.76 -18.42
CA VAL B 147 0.34 -26.50 -18.78
C VAL B 147 -0.73 -26.17 -17.73
N SER B 148 -1.40 -27.22 -17.22
CA SER B 148 -2.44 -27.06 -16.19
C SER B 148 -1.84 -26.47 -14.90
N CYS B 149 -0.70 -27.02 -14.46
CA CYS B 149 0.09 -26.46 -13.32
C CYS B 149 0.31 -24.96 -13.51
N ALA B 150 0.75 -24.60 -14.72
CA ALA B 150 1.05 -23.22 -15.05
C ALA B 150 -0.22 -22.37 -14.97
N TYR B 151 -1.33 -22.91 -15.50
CA TYR B 151 -2.63 -22.25 -15.44
C TYR B 151 -3.05 -22.07 -13.98
N GLN B 152 -2.95 -23.14 -13.20
CA GLN B 152 -3.37 -23.21 -11.80
C GLN B 152 -2.61 -22.14 -10.99
N VAL B 153 -1.28 -22.13 -11.15
CA VAL B 153 -0.44 -21.20 -10.41
C VAL B 153 -0.83 -19.79 -10.84
N ALA B 154 -1.05 -19.61 -12.15
CA ALA B 154 -1.42 -18.33 -12.71
C ALA B 154 -2.75 -17.84 -12.11
N ARG B 155 -3.73 -18.75 -12.02
CA ARG B 155 -5.06 -18.42 -11.47
C ARG B 155 -4.87 -17.94 -10.03
N GLY B 156 -4.12 -18.71 -9.24
CA GLY B 156 -3.72 -18.36 -7.89
C GLY B 156 -3.13 -16.96 -7.81
N MET B 157 -2.25 -16.63 -8.77
CA MET B 157 -1.52 -15.37 -8.72
C MET B 157 -2.42 -14.23 -9.21
N GLU B 158 -3.38 -14.54 -10.09
CA GLU B 158 -4.38 -13.53 -10.52
C GLU B 158 -5.21 -13.11 -9.29
N TYR B 159 -5.59 -14.11 -8.47
CA TYR B 159 -6.33 -13.85 -7.24
C TYR B 159 -5.52 -12.95 -6.30
N LEU B 160 -4.26 -13.29 -6.04
CA LEU B 160 -3.50 -12.56 -5.04
C LEU B 160 -3.33 -11.10 -5.49
N ALA B 161 -3.21 -10.89 -6.81
CA ALA B 161 -3.01 -9.55 -7.37
C ALA B 161 -4.31 -8.75 -7.25
N SER B 162 -5.42 -9.39 -7.64
CA SER B 162 -6.76 -8.86 -7.44
C SER B 162 -6.89 -8.24 -6.04
N LYS B 163 -6.29 -8.88 -5.02
CA LYS B 163 -6.34 -8.44 -3.61
C LYS B 163 -5.07 -7.67 -3.22
N LYS B 164 -4.35 -7.14 -4.21
CA LYS B 164 -3.21 -6.28 -3.99
C LYS B 164 -2.14 -6.98 -3.13
N CYS B 165 -1.92 -8.28 -3.35
CA CYS B 165 -0.86 -9.02 -2.67
C CYS B 165 0.28 -9.31 -3.65
N ILE B 166 1.43 -8.70 -3.37
CA ILE B 166 2.67 -8.95 -4.09
C ILE B 166 3.41 -10.09 -3.37
N HIS B 167 3.72 -11.16 -4.11
CA HIS B 167 4.38 -12.32 -3.57
C HIS B 167 5.84 -12.01 -3.20
N ARG B 168 6.65 -11.52 -4.16
CA ARG B 168 8.08 -11.15 -3.91
C ARG B 168 9.04 -12.36 -3.98
N ASP B 169 8.52 -13.60 -4.08
CA ASP B 169 9.39 -14.75 -4.27
C ASP B 169 8.44 -15.83 -4.81
N LEU B 170 8.09 -15.75 -6.10
CA LEU B 170 7.28 -16.79 -6.72
C LEU B 170 8.35 -17.71 -7.30
N ALA B 171 8.15 -19.02 -7.14
CA ALA B 171 9.11 -20.08 -7.49
C ALA B 171 8.43 -21.42 -7.26
N ALA B 172 8.92 -22.50 -7.87
CA ALA B 172 8.31 -23.85 -7.69
C ALA B 172 8.46 -24.31 -6.23
N ARG B 173 9.56 -23.90 -5.59
CA ARG B 173 9.79 -24.08 -4.14
C ARG B 173 8.56 -23.62 -3.33
N ASN B 174 7.90 -22.55 -3.77
CA ASN B 174 6.85 -21.89 -3.00
C ASN B 174 5.46 -22.21 -3.56
N VAL B 175 5.36 -23.23 -4.42
CA VAL B 175 4.08 -23.76 -4.86
C VAL B 175 3.98 -25.18 -4.30
N LEU B 176 2.86 -25.51 -3.65
CA LEU B 176 2.65 -26.82 -3.04
C LEU B 176 1.52 -27.56 -3.76
N VAL B 177 1.52 -28.90 -3.63
CA VAL B 177 0.65 -29.79 -4.37
C VAL B 177 -0.12 -30.71 -3.41
N THR B 178 -1.45 -30.72 -3.57
CA THR B 178 -2.36 -31.55 -2.79
C THR B 178 -2.45 -32.95 -3.41
N GLU B 179 -3.17 -33.86 -2.73
CA GLU B 179 -3.38 -35.24 -3.17
C GLU B 179 -4.22 -35.30 -4.45
N ASP B 180 -5.06 -34.27 -4.66
CA ASP B 180 -5.91 -34.15 -5.84
C ASP B 180 -5.18 -33.39 -6.97
N ASN B 181 -3.89 -33.08 -6.76
CA ASN B 181 -3.00 -32.41 -7.72
C ASN B 181 -3.48 -30.97 -8.00
N VAL B 182 -3.81 -30.25 -6.92
CA VAL B 182 -4.12 -28.83 -6.98
C VAL B 182 -2.83 -28.06 -6.66
N MET B 183 -2.55 -27.00 -7.42
CA MET B 183 -1.38 -26.14 -7.18
C MET B 183 -1.79 -25.02 -6.22
N LYS B 184 -1.04 -24.88 -5.12
CA LYS B 184 -1.34 -23.88 -4.13
C LYS B 184 -0.08 -23.06 -3.83
N ILE B 185 -0.16 -21.76 -4.10
CA ILE B 185 0.87 -20.82 -3.80
C ILE B 185 0.98 -20.67 -2.28
N ALA B 186 2.21 -20.79 -1.77
CA ALA B 186 2.52 -20.62 -0.35
C ALA B 186 3.38 -19.38 -0.15
N ASP B 187 3.41 -18.91 1.10
CA ASP B 187 4.26 -17.83 1.67
C ASP B 187 4.03 -16.48 0.98
N PHE B 188 2.76 -16.15 0.69
CA PHE B 188 2.38 -14.91 -0.04
C PHE B 188 2.28 -13.71 0.90
N PRO B 209 16.81 -16.55 -4.01
CA PRO B 209 15.79 -15.85 -4.78
C PRO B 209 16.26 -14.95 -5.94
N VAL B 210 17.51 -14.48 -5.92
CA VAL B 210 18.03 -13.55 -6.94
C VAL B 210 17.71 -14.07 -8.35
N LYS B 211 17.90 -15.38 -8.58
N LYS B 211 17.90 -15.37 -8.58
CA LYS B 211 17.76 -15.98 -9.90
CA LYS B 211 17.76 -15.97 -9.91
C LYS B 211 16.30 -15.94 -10.36
C LYS B 211 16.29 -16.01 -10.34
N TRP B 212 15.37 -15.52 -9.49
CA TRP B 212 13.93 -15.41 -9.82
C TRP B 212 13.47 -13.95 -9.92
N MET B 213 14.34 -13.00 -9.55
CA MET B 213 13.92 -11.63 -9.39
C MET B 213 13.99 -10.93 -10.74
N ALA B 214 13.05 -9.99 -10.95
CA ALA B 214 13.10 -9.13 -12.11
C ALA B 214 14.27 -8.17 -11.96
N PRO B 215 14.83 -7.67 -13.08
CA PRO B 215 15.93 -6.69 -13.02
C PRO B 215 15.63 -5.48 -12.12
N GLU B 216 14.40 -4.94 -12.20
CA GLU B 216 14.01 -3.75 -11.42
C GLU B 216 14.01 -4.07 -9.91
N ALA B 217 13.63 -5.30 -9.55
CA ALA B 217 13.65 -5.78 -8.15
C ALA B 217 15.10 -5.98 -7.71
N LEU B 218 15.93 -6.44 -8.65
CA LEU B 218 17.32 -6.80 -8.38
C LEU B 218 18.21 -5.54 -8.27
N PHE B 219 17.93 -4.53 -9.10
CA PHE B 219 18.76 -3.33 -9.20
C PHE B 219 18.27 -2.23 -8.25
N ASP B 220 16.94 -2.02 -8.20
CA ASP B 220 16.34 -0.85 -7.54
C ASP B 220 15.47 -1.27 -6.34
N ARG B 221 15.27 -2.59 -6.15
CA ARG B 221 14.35 -3.14 -5.17
C ARG B 221 12.94 -2.56 -5.42
N ILE B 222 12.54 -2.63 -6.68
CA ILE B 222 11.18 -2.36 -7.11
C ILE B 222 10.42 -3.69 -7.12
N TYR B 223 9.40 -3.81 -6.26
CA TYR B 223 8.50 -4.95 -6.27
C TYR B 223 7.09 -4.50 -6.67
N THR B 224 6.56 -5.11 -7.73
CA THR B 224 5.23 -4.86 -8.25
C THR B 224 4.63 -6.18 -8.70
N HIS B 225 3.39 -6.12 -9.22
CA HIS B 225 2.74 -7.29 -9.79
C HIS B 225 3.52 -7.76 -11.03
N GLN B 226 4.13 -6.80 -11.73
CA GLN B 226 4.85 -7.06 -12.98
C GLN B 226 6.20 -7.70 -12.66
N SER B 227 6.80 -7.41 -11.48
CA SER B 227 8.06 -8.05 -11.10
C SER B 227 7.79 -9.51 -10.69
N ASP B 228 6.59 -9.79 -10.18
CA ASP B 228 6.15 -11.17 -9.89
C ASP B 228 5.88 -11.92 -11.20
N VAL B 229 5.50 -11.17 -12.25
CA VAL B 229 5.28 -11.74 -13.59
C VAL B 229 6.61 -12.25 -14.16
N TRP B 230 7.68 -11.45 -14.02
CA TRP B 230 9.05 -11.93 -14.27
C TRP B 230 9.26 -13.30 -13.60
N SER B 231 9.01 -13.37 -12.29
CA SER B 231 9.23 -14.59 -11.52
C SER B 231 8.42 -15.76 -12.10
N PHE B 232 7.19 -15.47 -12.56
CA PHE B 232 6.29 -16.49 -13.12
C PHE B 232 6.88 -17.09 -14.39
N GLY B 233 7.60 -16.24 -15.15
CA GLY B 233 8.39 -16.67 -16.30
C GLY B 233 9.39 -17.75 -15.93
N VAL B 234 10.24 -17.46 -14.93
CA VAL B 234 11.24 -18.44 -14.44
C VAL B 234 10.53 -19.72 -14.01
N LEU B 235 9.38 -19.60 -13.34
CA LEU B 235 8.63 -20.75 -12.82
C LEU B 235 8.16 -21.66 -13.97
N LEU B 236 7.63 -21.04 -15.04
CA LEU B 236 7.29 -21.73 -16.31
C LEU B 236 8.47 -22.56 -16.80
N TRP B 237 9.66 -21.94 -16.78
CA TRP B 237 10.91 -22.59 -17.13
C TRP B 237 11.16 -23.78 -16.21
N GLU B 238 11.00 -23.58 -14.90
CA GLU B 238 11.14 -24.65 -13.91
C GLU B 238 10.20 -25.82 -14.23
N ILE B 239 8.95 -25.48 -14.60
CA ILE B 239 7.92 -26.50 -14.89
C ILE B 239 8.40 -27.35 -16.08
N PHE B 240 8.85 -26.68 -17.14
CA PHE B 240 9.04 -27.33 -18.43
C PHE B 240 10.43 -27.99 -18.53
N THR B 241 11.30 -27.73 -17.56
CA THR B 241 12.53 -28.50 -17.36
C THR B 241 12.35 -29.51 -16.24
N LEU B 242 11.09 -29.74 -15.83
CA LEU B 242 10.72 -30.66 -14.75
C LEU B 242 11.60 -30.47 -13.51
N GLY B 243 11.86 -29.20 -13.14
CA GLY B 243 12.54 -28.85 -11.92
C GLY B 243 14.00 -28.49 -12.13
N GLY B 244 14.30 -27.87 -13.27
CA GLY B 244 15.65 -27.40 -13.58
C GLY B 244 16.04 -26.23 -12.67
N SER B 245 17.34 -26.14 -12.38
CA SER B 245 17.95 -25.01 -11.68
C SER B 245 18.27 -23.90 -12.68
N PRO B 246 17.71 -22.67 -12.54
CA PRO B 246 18.04 -21.57 -13.43
C PRO B 246 19.47 -21.04 -13.22
N TYR B 247 20.12 -20.64 -14.31
CA TYR B 247 21.50 -20.14 -14.38
C TYR B 247 22.39 -20.93 -13.41
N PRO B 248 22.58 -22.25 -13.61
CA PRO B 248 23.44 -23.04 -12.73
C PRO B 248 24.90 -22.63 -12.96
N GLY B 249 25.65 -22.49 -11.86
CA GLY B 249 27.06 -22.11 -11.91
C GLY B 249 27.28 -20.61 -11.96
N VAL B 250 26.21 -19.82 -12.15
CA VAL B 250 26.31 -18.36 -12.33
C VAL B 250 26.21 -17.67 -10.97
N PRO B 251 27.26 -16.95 -10.49
CA PRO B 251 27.16 -16.21 -9.24
C PRO B 251 26.33 -14.92 -9.33
N VAL B 252 26.17 -14.24 -8.19
CA VAL B 252 25.35 -13.02 -8.02
C VAL B 252 25.87 -11.92 -8.95
N GLU B 253 27.16 -11.58 -8.82
CA GLU B 253 27.77 -10.45 -9.54
C GLU B 253 27.55 -10.60 -11.06
N GLU B 254 27.63 -11.84 -11.56
CA GLU B 254 27.62 -12.16 -12.98
C GLU B 254 26.18 -12.12 -13.55
N LEU B 255 25.18 -12.36 -12.71
CA LEU B 255 23.79 -12.43 -13.16
C LEU B 255 23.27 -11.03 -13.46
N PHE B 256 23.70 -10.03 -12.67
CA PHE B 256 23.40 -8.62 -12.92
C PHE B 256 23.76 -8.27 -14.38
N LYS B 257 25.04 -8.45 -14.72
CA LYS B 257 25.59 -8.16 -16.05
C LYS B 257 24.83 -8.96 -17.12
N LEU B 258 24.63 -10.25 -16.87
CA LEU B 258 24.04 -11.16 -17.84
C LEU B 258 22.63 -10.66 -18.24
N LEU B 259 21.80 -10.36 -17.23
CA LEU B 259 20.44 -9.89 -17.47
C LEU B 259 20.50 -8.46 -18.02
N LYS B 260 21.43 -7.63 -17.51
CA LYS B 260 21.63 -6.26 -18.01
C LYS B 260 22.09 -6.29 -19.48
N GLU B 261 22.77 -7.37 -19.89
CA GLU B 261 23.24 -7.56 -21.28
C GLU B 261 22.18 -8.29 -22.13
N GLY B 262 20.96 -8.48 -21.60
CA GLY B 262 19.83 -8.96 -22.39
C GLY B 262 19.77 -10.47 -22.54
N HIS B 263 20.60 -11.20 -21.75
CA HIS B 263 20.56 -12.67 -21.74
C HIS B 263 19.18 -13.18 -21.26
N ARG B 264 18.79 -14.33 -21.80
CA ARG B 264 17.59 -15.04 -21.40
C ARG B 264 17.88 -16.55 -21.42
N MET B 265 17.22 -17.32 -20.56
CA MET B 265 17.42 -18.75 -20.53
C MET B 265 16.83 -19.35 -21.82
N ASP B 266 17.40 -20.47 -22.24
CA ASP B 266 17.02 -21.11 -23.48
C ASP B 266 15.69 -21.83 -23.28
N LYS B 267 14.98 -22.06 -24.39
CA LYS B 267 13.78 -22.84 -24.41
C LYS B 267 14.11 -24.25 -23.94
N PRO B 268 13.44 -24.77 -22.89
CA PRO B 268 13.62 -26.16 -22.44
C PRO B 268 13.30 -27.17 -23.55
N SER B 269 13.93 -28.34 -23.51
CA SER B 269 13.64 -29.41 -24.45
C SER B 269 12.21 -29.91 -24.26
N ASN B 270 11.49 -30.13 -25.35
CA ASN B 270 10.07 -30.54 -25.32
C ASN B 270 9.23 -29.41 -24.72
N CYS B 271 9.23 -28.28 -25.41
CA CYS B 271 8.52 -27.06 -25.02
C CYS B 271 8.26 -26.24 -26.29
N THR B 272 7.01 -25.84 -26.51
CA THR B 272 6.62 -25.19 -27.76
C THR B 272 7.11 -23.74 -27.78
N ASN B 273 7.20 -23.18 -29.00
CA ASN B 273 7.60 -21.79 -29.22
C ASN B 273 6.64 -20.86 -28.47
N GLU B 274 5.35 -21.25 -28.36
CA GLU B 274 4.30 -20.41 -27.76
C GLU B 274 4.64 -20.14 -26.28
N LEU B 275 4.79 -21.22 -25.50
CA LEU B 275 5.10 -21.12 -24.09
C LEU B 275 6.49 -20.47 -23.86
N TYR B 276 7.37 -20.53 -24.86
CA TYR B 276 8.65 -19.87 -24.75
C TYR B 276 8.48 -18.37 -25.03
N MET B 277 7.56 -18.05 -25.96
CA MET B 277 7.15 -16.65 -26.19
C MET B 277 6.54 -16.09 -24.90
N MET B 278 5.76 -16.93 -24.21
CA MET B 278 5.14 -16.54 -22.95
C MET B 278 6.24 -16.20 -21.94
N MET B 279 7.22 -17.10 -21.79
CA MET B 279 8.40 -16.85 -20.95
C MET B 279 9.09 -15.54 -21.35
N ARG B 280 9.30 -15.37 -22.67
CA ARG B 280 10.01 -14.20 -23.20
C ARG B 280 9.20 -12.93 -22.89
N ASP B 281 7.88 -13.00 -23.06
CA ASP B 281 6.99 -11.90 -22.68
C ASP B 281 7.19 -11.57 -21.18
N CYS B 282 7.15 -12.60 -20.33
CA CYS B 282 7.26 -12.40 -18.90
C CYS B 282 8.63 -11.81 -18.55
N TRP B 283 9.64 -12.07 -19.40
CA TRP B 283 11.03 -11.59 -19.23
C TRP B 283 11.30 -10.32 -20.04
N HIS B 284 10.24 -9.68 -20.54
CA HIS B 284 10.36 -8.41 -21.20
C HIS B 284 11.02 -7.42 -20.24
N ALA B 285 12.01 -6.66 -20.72
CA ALA B 285 12.80 -5.76 -19.87
C ALA B 285 11.94 -4.60 -19.35
N VAL B 286 10.89 -4.25 -20.11
CA VAL B 286 9.95 -3.18 -19.74
C VAL B 286 8.80 -3.82 -18.97
N PRO B 287 8.70 -3.56 -17.63
CA PRO B 287 7.64 -4.15 -16.80
C PRO B 287 6.23 -3.97 -17.38
N SER B 288 5.93 -2.76 -17.86
CA SER B 288 4.61 -2.39 -18.45
C SER B 288 4.27 -3.27 -19.66
N GLN B 289 5.29 -3.76 -20.38
CA GLN B 289 5.14 -4.53 -21.62
C GLN B 289 5.00 -6.03 -21.33
N ARG B 290 5.29 -6.42 -20.09
CA ARG B 290 5.08 -7.82 -19.67
C ARG B 290 3.58 -8.03 -19.54
N PRO B 291 3.01 -9.21 -19.83
CA PRO B 291 1.58 -9.43 -19.60
C PRO B 291 1.24 -9.29 -18.11
N THR B 292 -0.07 -9.17 -17.85
CA THR B 292 -0.64 -9.23 -16.50
C THR B 292 -1.02 -10.69 -16.23
N PHE B 293 -1.19 -11.03 -14.94
CA PHE B 293 -1.63 -12.38 -14.53
C PHE B 293 -3.00 -12.69 -15.13
N LYS B 294 -3.88 -11.68 -15.18
CA LYS B 294 -5.16 -11.74 -15.93
C LYS B 294 -4.89 -12.23 -17.36
N GLN B 295 -4.00 -11.54 -18.08
CA GLN B 295 -3.68 -11.83 -19.49
C GLN B 295 -3.06 -13.23 -19.62
N LEU B 296 -2.12 -13.55 -18.71
CA LEU B 296 -1.50 -14.88 -18.60
C LEU B 296 -2.55 -15.95 -18.32
N VAL B 297 -3.46 -15.67 -17.38
CA VAL B 297 -4.56 -16.58 -17.13
C VAL B 297 -5.31 -16.83 -18.46
N GLU B 298 -5.64 -15.76 -19.18
CA GLU B 298 -6.42 -15.87 -20.41
C GLU B 298 -5.68 -16.75 -21.43
N ASP B 299 -4.38 -16.49 -21.63
CA ASP B 299 -3.60 -17.21 -22.64
C ASP B 299 -3.48 -18.69 -22.28
N LEU B 300 -3.26 -18.98 -20.99
CA LEU B 300 -2.98 -20.34 -20.54
C LEU B 300 -4.25 -21.20 -20.60
N ASP B 301 -5.41 -20.58 -20.39
CA ASP B 301 -6.72 -21.24 -20.50
C ASP B 301 -6.91 -21.73 -21.94
N ARG B 302 -6.50 -20.90 -22.90
CA ARG B 302 -6.56 -21.23 -24.31
C ARG B 302 -5.65 -22.43 -24.61
N ILE B 303 -4.39 -22.34 -24.16
CA ILE B 303 -3.37 -23.35 -24.48
C ILE B 303 -3.77 -24.70 -23.89
N VAL B 304 -4.12 -24.72 -22.60
CA VAL B 304 -4.58 -25.94 -21.93
C VAL B 304 -5.72 -26.56 -22.75
N ALA B 305 -6.65 -25.71 -23.20
CA ALA B 305 -7.85 -26.13 -23.93
C ALA B 305 -7.50 -26.77 -25.28
N LEU B 306 -6.31 -26.46 -25.82
CA LEU B 306 -5.90 -26.95 -27.14
C LEU B 306 -4.68 -27.88 -27.04
N THR B 307 -4.35 -28.35 -25.81
CA THR B 307 -3.13 -29.16 -25.57
C THR B 307 -3.54 -30.63 -25.49
N SER B 308 -2.68 -31.50 -26.06
CA SER B 308 -2.76 -32.98 -26.05
C SER B 308 -4.20 -33.46 -26.20
C0N TZ0 C . -7.60 21.27 9.86
O01 TZ0 C . -6.81 20.14 10.24
C0E TZ0 C . -6.29 20.18 11.53
C0O TZ0 C . -5.36 19.20 11.74
C0C TZ0 C . -6.64 21.07 12.55
C0D TZ0 C . -6.00 20.91 13.78
O02 TZ0 C . -6.24 21.69 14.85
C0U TZ0 C . -7.37 22.56 14.95
C0R TZ0 C . -5.03 19.93 14.00
C0J TZ0 C . -4.73 19.05 12.96
C0S TZ0 C . -3.74 18.07 13.12
C0H TZ0 C . -2.99 17.24 13.18
C0G TZ0 C . -2.07 16.27 13.27
N09 TZ0 C . -0.74 16.46 13.38
C0A TZ0 C . -2.41 14.89 13.27
C0F TZ0 C . -3.54 14.03 13.20
N05 TZ0 C . -4.77 14.49 13.08
N06 TZ0 C . -3.37 12.69 13.22
C0L TZ0 C . -2.11 12.24 13.34
N08 TZ0 C . -0.96 12.90 13.43
C0B TZ0 C . -1.18 14.23 13.39
N04 TZ0 C . -0.20 15.19 13.44
C0K TZ0 C . 1.25 14.89 13.57
C0I TZ0 C . 1.87 15.87 14.48
C0Q TZ0 C . 2.05 14.97 12.28
C0T TZ0 C . 2.43 16.40 12.11
N07 TZ0 C . 2.39 16.88 13.53
C0P TZ0 C . 2.82 18.12 13.91
O03 TZ0 C . 3.26 18.92 13.04
C0M TZ0 C . 2.74 18.54 15.34
C0V TZ0 C . 3.14 19.75 15.73
S SO4 D . -22.18 18.26 8.32
O1 SO4 D . -21.36 19.47 8.03
O2 SO4 D . -22.27 17.34 7.17
O3 SO4 D . -23.56 18.68 8.68
O4 SO4 D . -21.53 17.54 9.43
C0N TZ0 E . 0.92 -18.49 3.12
O01 TZ0 E . 1.07 -19.93 3.02
C0E TZ0 E . 1.44 -20.60 4.17
C0O TZ0 E . 2.02 -21.84 3.98
C0C TZ0 E . 1.24 -20.12 5.45
C0D TZ0 E . 1.64 -20.86 6.53
O02 TZ0 E . 1.49 -20.42 7.80
C0U TZ0 E . 0.76 -19.21 8.03
C0R TZ0 E . 2.25 -22.10 6.37
C0J TZ0 E . 2.44 -22.59 5.08
C0S TZ0 E . 3.04 -23.82 4.88
C0H TZ0 E . 3.46 -24.66 4.74
C0G TZ0 E . 4.03 -25.89 4.50
N09 TZ0 E . 5.32 -26.18 4.63
C0A TZ0 E . 3.26 -27.02 4.14
C0F TZ0 E . 1.91 -27.41 3.87
N05 TZ0 E . 0.91 -26.53 3.93
N06 TZ0 E . 1.62 -28.68 3.52
C0L TZ0 E . 2.66 -29.55 3.46
N08 TZ0 E . 3.95 -29.34 3.69
C0B TZ0 E . 4.19 -28.05 4.02
N04 TZ0 E . 5.42 -27.52 4.30
C0K TZ0 E . 6.77 -28.23 4.32
C0I TZ0 E . 7.70 -27.63 5.33
C0Q TZ0 E . 7.58 -28.24 3.04
C0T TZ0 E . 8.42 -27.01 3.03
N07 TZ0 E . 8.44 -26.65 4.48
C0P TZ0 E . 9.14 -25.58 4.97
O03 TZ0 E . 9.74 -24.83 4.17
C0M TZ0 E . 9.16 -25.29 6.44
C0V TZ0 E . 9.81 -24.23 6.94
#